data_6POM
#
_entry.id   6POM
#
_cell.length_a   1.00
_cell.length_b   1.00
_cell.length_c   1.00
_cell.angle_alpha   90.00
_cell.angle_beta   90.00
_cell.angle_gamma   90.00
#
_symmetry.space_group_name_H-M   'P 1'
#
loop_
_entity.id
_entity.type
_entity.pdbx_description
1 polymer 'T-box GlyQS leader (155-MER)'
2 polymer 'tRNAGly (75-MER)'
#
loop_
_entity_poly.entity_id
_entity_poly.type
_entity_poly.pdbx_seq_one_letter_code
_entity_poly.pdbx_strand_id
1 'polyribonucleotide'
;GUUGCAGUGAGAGAAAGAAGUACUUGCGUUACCUCAUGAAAGCGACCUUAGGGCGGUGUAAGCUAAGGAUGAGCACGCAA
CGAAAGGCAUUCUUGAGCAAUUUUAAAAAAGAGGCUGGGAUUUUGUUCUCAGCAACUAGGGUGGAACCGCGGGAGAACUC
UCGUCCCUA
;
A
2 'polyribonucleotide' GCGGAAGUAGUUCAGUGGUAGAACACCACCUUGCCAAGGUGGGGGUCGCGGGUUCGAAUCCCGUCUUCCGCUCCA B
#
loop_
_chem_comp.id
_chem_comp.type
_chem_comp.name
_chem_comp.formula
A RNA linking ADENOSINE-5'-MONOPHOSPHATE 'C10 H14 N5 O7 P'
C RNA linking CYTIDINE-5'-MONOPHOSPHATE 'C9 H14 N3 O8 P'
G RNA linking GUANOSINE-5'-MONOPHOSPHATE 'C10 H14 N5 O8 P'
U RNA linking URIDINE-5'-MONOPHOSPHATE 'C9 H13 N2 O9 P'
#